data_7ZYR
#
_entry.id   7ZYR
#
_cell.length_a   58.721
_cell.length_b   45.756
_cell.length_c   63.204
_cell.angle_alpha   90.000
_cell.angle_beta   111.680
_cell.angle_gamma   90.000
#
_symmetry.space_group_name_H-M   'P 1 21 1'
#
loop_
_entity.id
_entity.type
_entity.pdbx_description
1 polymer 'Casein kinase II subunit alpha'
2 non-polymer "ADENOSINE-5'-TRIPHOSPHATE"
3 non-polymer 'ACETATE ION'
4 non-polymer 5-bromanyl-6-chloranyl-3-(1~{H}-pyrrol-2-ylmethyl)-1~{H}-indole
5 water water
#
_entity_poly.entity_id   1
_entity_poly.type   'polypeptide(L)'
_entity_poly.pdbx_seq_one_letter_code
;SGPVPSRARVYTDVNTHRPSEYWDYESHVVEWGNQDDYQLVRKLGRGKYSEVFEAINITNNEKVVVKILKPVAAAKIKRE
IKILENLRGGPNIITLADIVKDPVSRTPALVFEHVNNTDFKQLYQTLTDYDIRFYMYEILKALDYCHSMGIMHRDVKPHN
VMIDHEHRKLRLIDWGLAEFYHPGQEYNVRVASRYFKGPELLVDYQMYDYSLDMWSLGCMLASMIFRKEPFFHGHDNYDQ
LVRIAKVLGTEDLYDYIDKYNIELDPRFNDILGRHSRKRWERFVHSENQHLVSPEALDFLDKLLRYDHQSRLTAREAMEH
PYFYTVVK
;
_entity_poly.pdbx_strand_id   A
#
loop_
_chem_comp.id
_chem_comp.type
_chem_comp.name
_chem_comp.formula
ACT non-polymer 'ACETATE ION' 'C2 H3 O2 -1'
ATP non-polymer ADENOSINE-5'-TRIPHOSPHATE 'C10 H16 N5 O13 P3'
KF6 non-polymer 5-bromanyl-6-chloranyl-3-(1~{H}-pyrrol-2-ylmethyl)-1~{H}-indole 'C13 H10 Br Cl N2'
#
# COMPACT_ATOMS: atom_id res chain seq x y z
N GLY A 2 -10.65 -18.97 20.98
CA GLY A 2 -10.74 -18.02 19.87
C GLY A 2 -9.42 -17.82 19.14
N PRO A 3 -9.31 -16.83 18.20
CA PRO A 3 -8.04 -16.64 17.50
C PRO A 3 -6.88 -16.29 18.42
N VAL A 4 -5.71 -16.79 18.05
CA VAL A 4 -4.43 -16.59 18.74
C VAL A 4 -3.95 -15.18 18.35
N PRO A 5 -3.40 -14.38 19.31
CA PRO A 5 -2.93 -13.03 18.93
C PRO A 5 -1.67 -13.05 18.06
N SER A 6 -1.34 -11.89 17.51
CA SER A 6 -0.19 -11.67 16.65
C SER A 6 0.33 -10.27 16.87
N ARG A 7 1.63 -10.10 16.70
CA ARG A 7 2.26 -8.79 16.74
C ARG A 7 3.34 -8.75 15.67
N ALA A 8 3.64 -7.55 15.17
CA ALA A 8 4.68 -7.37 14.15
C ALA A 8 6.04 -7.85 14.71
N ARG A 9 6.89 -8.40 13.85
CA ARG A 9 8.22 -8.86 14.25
C ARG A 9 9.21 -7.69 14.28
N VAL A 10 8.76 -6.51 13.76
CA VAL A 10 9.56 -5.28 13.72
C VAL A 10 8.69 -4.07 14.12
N TYR A 11 9.36 -2.99 14.61
CA TYR A 11 8.71 -1.70 14.98
C TYR A 11 7.46 -1.88 15.85
N THR A 12 7.51 -2.84 16.76
N THR A 12 7.49 -2.82 16.78
CA THR A 12 6.39 -3.14 17.66
CA THR A 12 6.34 -3.04 17.66
C THR A 12 6.20 -2.02 18.71
C THR A 12 6.18 -1.89 18.64
N ASP A 13 7.30 -1.42 19.21
CA ASP A 13 7.29 -0.40 20.26
C ASP A 13 7.29 1.04 19.81
N VAL A 14 7.25 1.29 18.49
CA VAL A 14 7.39 2.66 18.00
C VAL A 14 6.37 3.62 18.62
N ASN A 15 5.05 3.31 18.61
CA ASN A 15 4.04 4.23 19.14
C ASN A 15 4.01 4.35 20.67
N THR A 16 4.59 3.40 21.39
CA THR A 16 4.62 3.55 22.86
C THR A 16 5.78 4.45 23.30
N HIS A 17 6.92 4.42 22.58
N HIS A 17 6.93 4.38 22.58
CA HIS A 17 8.10 5.22 22.94
CA HIS A 17 8.16 5.15 22.79
C HIS A 17 8.09 6.64 22.34
C HIS A 17 7.98 6.64 22.46
N ARG A 18 7.08 6.96 21.51
CA ARG A 18 6.82 8.32 21.01
C ARG A 18 5.80 9.00 21.99
N PRO A 19 5.72 10.36 22.10
CA PRO A 19 4.69 10.93 23.00
C PRO A 19 3.28 10.65 22.46
N SER A 20 2.25 10.69 23.34
CA SER A 20 0.85 10.43 22.98
C SER A 20 0.35 11.34 21.85
N GLU A 21 0.87 12.58 21.76
CA GLU A 21 0.54 13.58 20.74
C GLU A 21 0.81 13.01 19.34
N TYR A 22 1.83 12.15 19.22
CA TYR A 22 2.20 11.51 17.94
C TYR A 22 1.09 10.68 17.30
N TRP A 23 0.46 9.75 18.04
CA TRP A 23 -0.54 8.83 17.49
C TRP A 23 -1.99 9.15 17.86
N ASP A 24 -2.22 9.94 18.92
CA ASP A 24 -3.57 10.30 19.34
C ASP A 24 -4.05 11.45 18.44
N TYR A 25 -4.44 11.09 17.20
CA TYR A 25 -4.89 12.02 16.17
C TYR A 25 -6.17 12.84 16.54
N GLU A 26 -7.02 12.36 17.47
CA GLU A 26 -8.22 13.11 17.88
C GLU A 26 -7.87 14.41 18.60
N SER A 27 -6.87 14.34 19.47
CA SER A 27 -6.38 15.46 20.28
C SER A 27 -5.62 16.50 19.45
N HIS A 28 -5.37 16.20 18.16
CA HIS A 28 -4.62 17.05 17.25
C HIS A 28 -5.39 18.32 16.85
N VAL A 29 -4.79 19.49 17.09
CA VAL A 29 -5.42 20.76 16.67
C VAL A 29 -4.80 21.17 15.34
N VAL A 30 -5.63 21.17 14.30
CA VAL A 30 -5.27 21.51 12.93
C VAL A 30 -4.97 23.00 12.78
N GLU A 31 -3.79 23.32 12.22
CA GLU A 31 -3.41 24.70 11.91
C GLU A 31 -3.95 24.94 10.48
N TRP A 32 -4.88 25.90 10.33
CA TRP A 32 -5.53 26.17 9.04
C TRP A 32 -4.83 27.23 8.23
N GLY A 33 -4.55 26.90 6.98
CA GLY A 33 -3.93 27.82 6.05
C GLY A 33 -4.96 28.73 5.40
N ASN A 34 -4.51 29.57 4.45
N ASN A 34 -4.50 29.53 4.44
CA ASN A 34 -5.39 30.50 3.75
CA ASN A 34 -5.34 30.47 3.70
C ASN A 34 -5.89 29.88 2.44
C ASN A 34 -5.88 29.83 2.42
N GLN A 35 -7.21 29.58 2.35
CA GLN A 35 -7.83 28.98 1.15
C GLN A 35 -7.63 29.81 -0.14
N ASP A 36 -7.56 31.16 -0.02
CA ASP A 36 -7.36 32.02 -1.20
C ASP A 36 -5.96 31.92 -1.81
N ASP A 37 -5.01 31.24 -1.14
CA ASP A 37 -3.67 31.02 -1.70
C ASP A 37 -3.74 30.05 -2.87
N TYR A 38 -4.89 29.35 -2.99
CA TYR A 38 -5.08 28.33 -4.00
C TYR A 38 -6.23 28.60 -4.91
N GLN A 39 -5.95 28.60 -6.21
CA GLN A 39 -6.96 28.78 -7.25
C GLN A 39 -7.11 27.45 -7.96
N LEU A 40 -8.34 26.93 -7.99
CA LEU A 40 -8.63 25.65 -8.66
C LEU A 40 -8.51 25.80 -10.18
N VAL A 41 -7.90 24.80 -10.83
CA VAL A 41 -7.67 24.83 -12.28
C VAL A 41 -8.59 23.87 -13.02
N ARG A 42 -8.63 22.59 -12.59
CA ARG A 42 -9.46 21.56 -13.20
C ARG A 42 -9.68 20.36 -12.27
N LYS A 43 -10.80 19.68 -12.45
CA LYS A 43 -11.13 18.50 -11.68
C LYS A 43 -10.30 17.34 -12.24
N LEU A 44 -9.58 16.64 -11.37
CA LEU A 44 -8.79 15.48 -11.74
C LEU A 44 -9.55 14.19 -11.51
N GLY A 45 -10.40 14.16 -10.49
CA GLY A 45 -11.18 12.97 -10.17
C GLY A 45 -12.00 13.11 -8.92
N ARG A 46 -12.75 12.07 -8.59
CA ARG A 46 -13.61 12.00 -7.43
C ARG A 46 -13.65 10.57 -6.94
N GLY A 47 -13.37 10.40 -5.66
CA GLY A 47 -13.40 9.10 -4.99
C GLY A 47 -14.62 9.03 -4.12
N LYS A 48 -14.64 8.09 -3.16
CA LYS A 48 -15.76 7.93 -2.22
C LYS A 48 -15.66 8.92 -1.07
N TYR A 49 -14.44 9.39 -0.77
CA TYR A 49 -14.19 10.28 0.36
C TYR A 49 -13.76 11.70 -0.01
N SER A 50 -13.45 11.96 -1.30
CA SER A 50 -13.00 13.29 -1.73
C SER A 50 -13.11 13.59 -3.22
N GLU A 51 -12.99 14.88 -3.56
CA GLU A 51 -12.95 15.34 -4.96
C GLU A 51 -11.55 15.95 -5.12
N VAL A 52 -10.85 15.58 -6.19
CA VAL A 52 -9.45 15.94 -6.41
C VAL A 52 -9.32 16.95 -7.52
N PHE A 53 -8.69 18.10 -7.22
CA PHE A 53 -8.49 19.16 -8.20
C PHE A 53 -7.03 19.52 -8.41
N GLU A 54 -6.67 19.83 -9.66
CA GLU A 54 -5.36 20.41 -9.93
C GLU A 54 -5.58 21.90 -9.59
N ALA A 55 -4.59 22.54 -8.97
CA ALA A 55 -4.66 23.94 -8.59
C ALA A 55 -3.30 24.63 -8.72
N ILE A 56 -3.26 25.95 -8.54
CA ILE A 56 -2.06 26.78 -8.57
C ILE A 56 -2.01 27.45 -7.22
N ASN A 57 -0.82 27.45 -6.60
CA ASN A 57 -0.58 28.17 -5.35
C ASN A 57 -0.18 29.56 -5.89
N ILE A 58 -1.05 30.57 -5.72
CA ILE A 58 -0.84 31.90 -6.27
C ILE A 58 0.30 32.70 -5.56
N THR A 59 0.82 32.21 -4.42
CA THR A 59 1.89 32.87 -3.64
C THR A 59 3.29 32.58 -4.22
N ASN A 60 3.41 31.52 -5.05
CA ASN A 60 4.67 31.11 -5.68
C ASN A 60 4.48 30.61 -7.13
N ASN A 61 3.24 30.65 -7.63
CA ASN A 61 2.79 30.21 -8.96
C ASN A 61 3.15 28.74 -9.26
N GLU A 62 3.23 27.89 -8.22
CA GLU A 62 3.52 26.44 -8.39
C GLU A 62 2.23 25.60 -8.35
N LYS A 63 2.20 24.52 -9.15
CA LYS A 63 1.09 23.58 -9.25
C LYS A 63 0.96 22.80 -7.96
N VAL A 64 -0.28 22.60 -7.51
CA VAL A 64 -0.59 21.77 -6.33
C VAL A 64 -1.78 20.87 -6.67
N VAL A 65 -2.09 19.95 -5.76
CA VAL A 65 -3.28 19.14 -5.90
C VAL A 65 -4.13 19.36 -4.65
N VAL A 66 -5.42 19.66 -4.84
CA VAL A 66 -6.32 19.93 -3.74
C VAL A 66 -7.31 18.77 -3.60
N LYS A 67 -7.30 18.15 -2.41
CA LYS A 67 -8.19 17.03 -2.11
C LYS A 67 -9.26 17.54 -1.11
N ILE A 68 -10.46 17.89 -1.64
CA ILE A 68 -11.58 18.42 -0.84
C ILE A 68 -12.36 17.24 -0.28
N LEU A 69 -12.34 17.08 1.03
CA LEU A 69 -12.95 15.93 1.67
C LEU A 69 -14.48 16.02 1.71
N LYS A 70 -15.16 14.89 1.47
CA LYS A 70 -16.63 14.79 1.57
C LYS A 70 -16.98 14.75 3.09
N PRO A 71 -18.16 15.23 3.55
CA PRO A 71 -18.42 15.26 5.00
C PRO A 71 -18.88 13.93 5.61
N VAL A 72 -18.00 12.89 5.57
CA VAL A 72 -18.28 11.52 6.01
C VAL A 72 -18.09 11.32 7.54
N ALA A 73 -16.82 11.23 8.03
CA ALA A 73 -16.51 11.00 9.45
C ALA A 73 -15.19 11.66 9.84
N ALA A 74 -15.27 12.66 10.74
CA ALA A 74 -14.15 13.46 11.24
C ALA A 74 -12.95 12.67 11.76
N ALA A 75 -13.20 11.49 12.41
CA ALA A 75 -12.15 10.63 12.95
C ALA A 75 -11.17 10.24 11.84
N LYS A 76 -11.72 9.83 10.65
CA LYS A 76 -10.92 9.46 9.48
C LYS A 76 -10.08 10.65 9.02
N ILE A 77 -10.70 11.86 9.00
CA ILE A 77 -10.04 13.08 8.53
C ILE A 77 -8.81 13.41 9.35
N LYS A 78 -8.97 13.46 10.69
CA LYS A 78 -7.88 13.79 11.62
C LYS A 78 -6.74 12.76 11.53
N ARG A 79 -7.08 11.47 11.33
CA ARG A 79 -6.10 10.39 11.23
C ARG A 79 -5.21 10.62 10.00
N GLU A 80 -5.83 10.91 8.85
CA GLU A 80 -5.06 11.16 7.62
C GLU A 80 -4.12 12.36 7.76
N ILE A 81 -4.61 13.46 8.35
CA ILE A 81 -3.79 14.68 8.57
C ILE A 81 -2.58 14.37 9.46
N LYS A 82 -2.82 13.71 10.59
CA LYS A 82 -1.78 13.37 11.55
C LYS A 82 -0.70 12.46 10.93
N ILE A 83 -1.11 11.48 10.14
CA ILE A 83 -0.16 10.57 9.47
C ILE A 83 0.67 11.33 8.43
N LEU A 84 0.02 12.19 7.63
CA LEU A 84 0.71 13.00 6.62
C LEU A 84 1.74 13.95 7.26
N GLU A 85 1.37 14.59 8.38
CA GLU A 85 2.28 15.49 9.09
C GLU A 85 3.46 14.73 9.73
N ASN A 86 3.17 13.56 10.31
CA ASN A 86 4.20 12.69 10.94
C ASN A 86 5.24 12.20 9.93
N LEU A 87 4.77 11.82 8.73
CA LEU A 87 5.64 11.32 7.67
C LEU A 87 6.23 12.37 6.74
N ARG A 88 5.83 13.65 6.89
CA ARG A 88 6.29 14.70 6.00
C ARG A 88 7.82 14.81 5.94
N GLY A 89 8.35 14.91 4.72
CA GLY A 89 9.79 14.94 4.46
C GLY A 89 10.43 13.56 4.40
N GLY A 90 9.69 12.49 4.72
CA GLY A 90 10.21 11.12 4.64
C GLY A 90 10.48 10.69 3.19
N PRO A 91 11.36 9.66 2.95
CA PRO A 91 11.67 9.27 1.56
C PRO A 91 10.47 8.78 0.77
N ASN A 92 10.21 9.46 -0.37
CA ASN A 92 9.14 9.15 -1.32
C ASN A 92 7.72 9.20 -0.76
N ILE A 93 7.52 9.96 0.32
CA ILE A 93 6.21 10.19 0.92
C ILE A 93 5.69 11.48 0.31
N ILE A 94 4.45 11.49 -0.18
CA ILE A 94 3.80 12.68 -0.73
C ILE A 94 3.81 13.82 0.33
N THR A 95 4.13 15.05 -0.08
CA THR A 95 4.20 16.15 0.87
C THR A 95 2.83 16.83 0.99
N LEU A 96 2.33 16.91 2.23
CA LEU A 96 1.12 17.67 2.53
C LEU A 96 1.62 19.13 2.69
N ALA A 97 1.35 19.98 1.70
CA ALA A 97 1.80 21.37 1.71
C ALA A 97 0.94 22.29 2.59
N ASP A 98 -0.37 21.97 2.77
CA ASP A 98 -1.28 22.80 3.55
C ASP A 98 -2.62 22.14 3.77
N ILE A 99 -3.39 22.66 4.75
CA ILE A 99 -4.75 22.26 5.09
C ILE A 99 -5.56 23.56 5.17
N VAL A 100 -6.65 23.66 4.39
CA VAL A 100 -7.52 24.84 4.37
C VAL A 100 -9.00 24.41 4.51
N LYS A 101 -9.87 25.35 4.83
CA LYS A 101 -11.30 25.07 4.90
C LYS A 101 -11.85 25.49 3.54
N ASP A 102 -12.39 24.54 2.78
CA ASP A 102 -12.95 24.89 1.46
C ASP A 102 -14.19 25.81 1.60
N PRO A 103 -14.21 26.94 0.87
CA PRO A 103 -15.35 27.88 1.01
C PRO A 103 -16.71 27.35 0.55
N VAL A 104 -16.72 26.38 -0.38
CA VAL A 104 -17.94 25.81 -0.94
C VAL A 104 -18.45 24.63 -0.11
N SER A 105 -17.61 23.61 0.09
CA SER A 105 -18.02 22.40 0.82
C SER A 105 -18.12 22.62 2.32
N ARG A 106 -17.32 23.58 2.86
CA ARG A 106 -17.19 23.88 4.29
C ARG A 106 -16.60 22.66 5.01
N THR A 107 -15.75 21.93 4.29
CA THR A 107 -15.05 20.77 4.81
C THR A 107 -13.53 21.01 4.65
N PRO A 108 -12.65 20.26 5.34
CA PRO A 108 -11.20 20.46 5.12
C PRO A 108 -10.79 20.05 3.71
N ALA A 109 -9.77 20.74 3.18
CA ALA A 109 -9.19 20.50 1.86
C ALA A 109 -7.68 20.35 2.01
N LEU A 110 -7.17 19.15 1.72
CA LEU A 110 -5.75 18.86 1.84
C LEU A 110 -5.00 19.30 0.59
N VAL A 111 -3.93 20.05 0.76
CA VAL A 111 -3.17 20.58 -0.36
C VAL A 111 -1.86 19.83 -0.42
N PHE A 112 -1.61 19.14 -1.53
CA PHE A 112 -0.42 18.31 -1.73
C PHE A 112 0.50 18.85 -2.77
N GLU A 113 1.77 18.42 -2.74
CA GLU A 113 2.72 18.75 -3.80
C GLU A 113 2.16 18.08 -5.06
N HIS A 114 2.38 18.71 -6.21
CA HIS A 114 1.95 18.18 -7.50
C HIS A 114 3.04 17.25 -8.04
N VAL A 115 2.61 16.10 -8.58
CA VAL A 115 3.50 15.14 -9.24
C VAL A 115 3.06 15.11 -10.69
N ASN A 116 3.95 15.44 -11.64
CA ASN A 116 3.64 15.34 -13.07
C ASN A 116 3.88 13.85 -13.39
N ASN A 117 2.91 13.02 -13.03
CA ASN A 117 3.06 11.58 -13.13
C ASN A 117 2.87 11.01 -14.53
N THR A 118 3.64 9.94 -14.80
CA THR A 118 3.60 9.17 -16.04
C THR A 118 2.35 8.33 -15.93
N ASP A 119 1.59 8.24 -17.04
CA ASP A 119 0.36 7.45 -17.16
C ASP A 119 0.65 6.02 -16.64
N PHE A 120 -0.25 5.48 -15.80
CA PHE A 120 -0.05 4.16 -15.18
C PHE A 120 -0.03 3.00 -16.16
N LYS A 121 -0.86 3.09 -17.23
CA LYS A 121 -0.90 2.05 -18.26
C LYS A 121 0.44 2.04 -18.98
N GLN A 122 0.98 3.24 -19.22
CA GLN A 122 2.29 3.46 -19.84
C GLN A 122 3.40 2.88 -18.95
N LEU A 123 3.35 3.12 -17.62
CA LEU A 123 4.33 2.54 -16.68
C LEU A 123 4.27 1.01 -16.77
N TYR A 124 3.07 0.44 -16.65
CA TYR A 124 2.86 -1.00 -16.74
C TYR A 124 3.46 -1.60 -18.05
N GLN A 125 3.11 -0.99 -19.17
CA GLN A 125 3.53 -1.48 -20.49
C GLN A 125 4.97 -1.28 -20.85
N THR A 126 5.67 -0.30 -20.25
CA THR A 126 7.02 0.01 -20.71
C THR A 126 8.17 -0.01 -19.69
N LEU A 127 7.90 -0.04 -18.36
CA LEU A 127 9.06 -0.12 -17.44
C LEU A 127 9.91 -1.39 -17.77
N THR A 128 11.23 -1.26 -17.76
CA THR A 128 12.12 -2.37 -18.07
C THR A 128 12.40 -3.17 -16.83
N ASP A 129 13.14 -4.30 -16.99
CA ASP A 129 13.57 -5.12 -15.86
C ASP A 129 14.30 -4.24 -14.86
N TYR A 130 15.24 -3.41 -15.35
CA TYR A 130 15.99 -2.49 -14.50
C TYR A 130 15.06 -1.51 -13.78
N ASP A 131 14.11 -0.89 -14.51
CA ASP A 131 13.19 0.11 -13.92
C ASP A 131 12.31 -0.50 -12.81
N ILE A 132 11.82 -1.75 -13.00
CA ILE A 132 10.97 -2.42 -12.00
C ILE A 132 11.79 -2.55 -10.72
N ARG A 133 13.05 -2.99 -10.83
CA ARG A 133 13.94 -3.16 -9.69
C ARG A 133 14.19 -1.81 -9.02
N PHE A 134 14.54 -0.79 -9.82
CA PHE A 134 14.80 0.58 -9.37
C PHE A 134 13.60 1.13 -8.58
N TYR A 135 12.39 1.06 -9.15
CA TYR A 135 11.19 1.65 -8.54
C TYR A 135 10.68 0.84 -7.35
N MET A 136 10.84 -0.50 -7.39
N MET A 136 10.85 -0.50 -7.39
CA MET A 136 10.48 -1.35 -6.27
CA MET A 136 10.48 -1.35 -6.26
C MET A 136 11.34 -0.97 -5.05
C MET A 136 11.35 -0.98 -5.05
N TYR A 137 12.65 -0.68 -5.30
CA TYR A 137 13.59 -0.24 -4.25
C TYR A 137 13.11 1.13 -3.68
N GLU A 138 12.62 2.04 -4.53
CA GLU A 138 12.06 3.34 -4.11
C GLU A 138 10.79 3.16 -3.27
N ILE A 139 9.92 2.18 -3.63
CA ILE A 139 8.70 1.87 -2.82
C ILE A 139 9.12 1.35 -1.45
N LEU A 140 10.11 0.46 -1.41
CA LEU A 140 10.59 -0.09 -0.12
C LEU A 140 11.14 1.00 0.81
N LYS A 141 11.73 2.07 0.25
CA LYS A 141 12.22 3.22 1.05
C LYS A 141 11.01 3.88 1.74
N ALA A 142 9.92 4.09 0.99
CA ALA A 142 8.70 4.71 1.51
C ALA A 142 8.04 3.82 2.58
N LEU A 143 7.93 2.50 2.29
CA LEU A 143 7.31 1.53 3.20
C LEU A 143 8.14 1.36 4.46
N ASP A 144 9.45 1.19 4.32
CA ASP A 144 10.26 1.05 5.55
C ASP A 144 10.14 2.31 6.40
N TYR A 145 10.14 3.49 5.75
CA TYR A 145 9.99 4.71 6.51
C TYR A 145 8.68 4.76 7.30
N CYS A 146 7.54 4.58 6.62
CA CYS A 146 6.28 4.70 7.34
C CYS A 146 6.11 3.59 8.38
N HIS A 147 6.56 2.36 8.10
CA HIS A 147 6.54 1.28 9.11
C HIS A 147 7.43 1.64 10.32
N SER A 148 8.62 2.20 10.08
CA SER A 148 9.55 2.63 11.14
C SER A 148 8.96 3.75 11.96
N MET A 149 7.99 4.47 11.37
CA MET A 149 7.29 5.59 12.01
C MET A 149 5.96 5.12 12.63
N GLY A 150 5.78 3.81 12.73
CA GLY A 150 4.60 3.22 13.36
C GLY A 150 3.32 3.30 12.58
N ILE A 151 3.43 3.37 11.24
CA ILE A 151 2.26 3.50 10.39
C ILE A 151 2.23 2.45 9.31
N MET A 152 1.03 1.90 9.05
CA MET A 152 0.84 1.00 7.90
C MET A 152 -0.01 1.74 6.90
N HIS A 153 0.32 1.59 5.60
CA HIS A 153 -0.40 2.30 4.55
C HIS A 153 -1.79 1.69 4.31
N ARG A 154 -1.89 0.34 4.19
CA ARG A 154 -3.13 -0.44 4.02
C ARG A 154 -3.87 -0.24 2.68
N ASP A 155 -3.23 0.44 1.71
CA ASP A 155 -3.82 0.60 0.37
C ASP A 155 -2.75 0.71 -0.72
N VAL A 156 -1.70 -0.13 -0.61
CA VAL A 156 -0.62 -0.17 -1.60
C VAL A 156 -1.18 -0.84 -2.85
N LYS A 157 -1.08 -0.12 -3.96
CA LYS A 157 -1.63 -0.55 -5.25
C LYS A 157 -1.06 0.38 -6.31
N PRO A 158 -1.09 0.01 -7.61
CA PRO A 158 -0.50 0.86 -8.66
C PRO A 158 -0.96 2.32 -8.68
N HIS A 159 -2.26 2.60 -8.54
CA HIS A 159 -2.76 3.99 -8.57
C HIS A 159 -2.30 4.85 -7.39
N ASN A 160 -1.83 4.22 -6.31
CA ASN A 160 -1.33 4.94 -5.14
C ASN A 160 0.18 5.11 -5.14
N VAL A 161 0.84 4.71 -6.25
CA VAL A 161 2.28 4.81 -6.38
C VAL A 161 2.56 5.56 -7.67
N MET A 162 2.76 6.88 -7.51
CA MET A 162 2.97 7.77 -8.64
C MET A 162 4.41 7.80 -9.03
N ILE A 163 4.65 7.88 -10.35
CA ILE A 163 6.00 7.99 -10.88
C ILE A 163 6.05 9.07 -11.92
N ASP A 164 7.00 9.99 -11.76
CA ASP A 164 7.36 10.98 -12.74
C ASP A 164 8.61 10.32 -13.38
N HIS A 165 8.40 9.55 -14.45
CA HIS A 165 9.48 8.75 -15.04
C HIS A 165 10.66 9.59 -15.55
N GLU A 166 10.40 10.82 -16.06
CA GLU A 166 11.43 11.75 -16.55
C GLU A 166 12.44 12.03 -15.46
N HIS A 167 11.95 12.35 -14.25
CA HIS A 167 12.81 12.70 -13.14
C HIS A 167 13.09 11.55 -12.20
N ARG A 168 12.76 10.30 -12.60
CA ARG A 168 12.96 9.08 -11.82
C ARG A 168 12.52 9.29 -10.37
N LYS A 169 11.35 9.91 -10.23
CA LYS A 169 10.77 10.34 -8.95
C LYS A 169 9.50 9.58 -8.65
N LEU A 170 9.45 8.98 -7.46
CA LEU A 170 8.33 8.16 -6.99
C LEU A 170 7.70 8.75 -5.73
N ARG A 171 6.38 8.71 -5.65
CA ARG A 171 5.65 9.16 -4.47
C ARG A 171 4.56 8.18 -4.11
N LEU A 172 4.53 7.81 -2.82
CA LEU A 172 3.50 6.97 -2.24
C LEU A 172 2.42 7.91 -1.72
N ILE A 173 1.21 7.83 -2.32
CA ILE A 173 0.11 8.76 -2.02
C ILE A 173 -1.08 8.05 -1.38
N ASP A 174 -2.16 8.81 -1.15
CA ASP A 174 -3.45 8.39 -0.62
C ASP A 174 -3.34 7.64 0.68
N TRP A 175 -3.11 8.42 1.71
CA TRP A 175 -2.94 7.96 3.09
C TRP A 175 -4.26 7.92 3.87
N GLY A 176 -5.41 7.99 3.17
CA GLY A 176 -6.73 7.98 3.79
C GLY A 176 -7.13 6.69 4.49
N LEU A 177 -6.49 5.56 4.13
CA LEU A 177 -6.76 4.27 4.78
C LEU A 177 -5.65 3.90 5.75
N ALA A 178 -4.61 4.74 5.85
CA ALA A 178 -3.45 4.50 6.73
C ALA A 178 -3.81 4.55 8.21
N GLU A 179 -3.08 3.76 9.02
CA GLU A 179 -3.37 3.63 10.44
C GLU A 179 -2.12 3.47 11.27
N PHE A 180 -2.19 3.90 12.53
CA PHE A 180 -1.13 3.70 13.50
C PHE A 180 -1.13 2.23 13.95
N TYR A 181 0.05 1.63 13.95
CA TYR A 181 0.16 0.22 14.36
C TYR A 181 0.37 0.16 15.86
N HIS A 182 -0.53 -0.51 16.53
CA HIS A 182 -0.52 -0.65 17.99
C HIS A 182 -0.59 -2.15 18.29
N PRO A 183 0.45 -2.77 18.89
CA PRO A 183 0.37 -4.22 19.19
C PRO A 183 -0.87 -4.62 19.95
N GLY A 184 -1.46 -5.70 19.49
CA GLY A 184 -2.68 -6.27 20.07
C GLY A 184 -3.96 -5.67 19.55
N GLN A 185 -3.89 -4.58 18.80
CA GLN A 185 -5.08 -3.90 18.26
C GLN A 185 -5.78 -4.72 17.15
N GLU A 186 -7.12 -4.78 17.21
CA GLU A 186 -7.90 -5.45 16.17
C GLU A 186 -8.39 -4.40 15.23
N TYR A 187 -7.99 -4.52 13.96
CA TYR A 187 -8.28 -3.54 12.92
C TYR A 187 -9.38 -4.01 12.00
N ASN A 188 -10.01 -3.05 11.31
CA ASN A 188 -11.03 -3.31 10.30
C ASN A 188 -10.36 -4.01 9.13
N VAL A 189 -10.94 -5.13 8.67
CA VAL A 189 -10.38 -5.89 7.56
C VAL A 189 -10.80 -5.30 6.21
N ARG A 190 -11.78 -4.35 6.19
CA ARG A 190 -12.27 -3.72 4.95
C ARG A 190 -11.33 -2.59 4.52
N VAL A 191 -10.10 -2.96 4.16
CA VAL A 191 -9.04 -2.04 3.73
C VAL A 191 -8.42 -2.65 2.48
N ALA A 192 -7.66 -1.84 1.68
CA ALA A 192 -7.00 -2.25 0.41
C ALA A 192 -8.00 -2.59 -0.69
N SER A 193 -7.58 -2.47 -1.95
CA SER A 193 -8.46 -2.81 -3.06
C SER A 193 -8.43 -4.35 -3.19
N ARG A 194 -9.54 -4.97 -3.65
CA ARG A 194 -9.71 -6.42 -3.76
C ARG A 194 -8.46 -7.20 -4.17
N TYR A 195 -7.87 -6.87 -5.33
CA TYR A 195 -6.76 -7.65 -5.88
C TYR A 195 -5.49 -7.60 -5.04
N PHE A 196 -5.41 -6.62 -4.15
CA PHE A 196 -4.25 -6.35 -3.31
C PHE A 196 -4.49 -6.73 -1.84
N LYS A 197 -5.66 -7.31 -1.53
CA LYS A 197 -5.97 -7.70 -0.16
C LYS A 197 -5.15 -8.90 0.29
N GLY A 198 -4.49 -8.80 1.46
CA GLY A 198 -3.76 -9.94 2.00
C GLY A 198 -4.67 -11.04 2.51
N PRO A 199 -4.17 -12.29 2.54
CA PRO A 199 -4.97 -13.40 3.07
C PRO A 199 -5.55 -13.16 4.47
N GLU A 200 -4.84 -12.39 5.34
CA GLU A 200 -5.30 -12.01 6.70
C GLU A 200 -6.65 -11.28 6.62
N LEU A 201 -6.80 -10.39 5.64
CA LEU A 201 -8.06 -9.69 5.42
C LEU A 201 -9.15 -10.64 4.89
N LEU A 202 -8.79 -11.52 3.94
CA LEU A 202 -9.74 -12.46 3.32
C LEU A 202 -10.28 -13.52 4.26
N VAL A 203 -9.50 -13.90 5.28
CA VAL A 203 -9.92 -14.89 6.28
C VAL A 203 -10.43 -14.23 7.56
N ASP A 204 -10.50 -12.88 7.56
CA ASP A 204 -11.05 -12.06 8.64
C ASP A 204 -10.20 -12.10 9.93
N TYR A 205 -8.86 -12.07 9.77
CA TYR A 205 -7.93 -12.01 10.90
C TYR A 205 -7.62 -10.54 11.17
N GLN A 206 -8.14 -9.99 12.27
CA GLN A 206 -8.05 -8.56 12.53
C GLN A 206 -6.73 -8.07 13.14
N MET A 207 -5.93 -8.95 13.74
CA MET A 207 -4.70 -8.50 14.39
C MET A 207 -3.53 -8.47 13.45
N TYR A 208 -3.69 -7.75 12.33
CA TYR A 208 -2.64 -7.67 11.31
C TYR A 208 -1.73 -6.47 11.57
N ASP A 209 -0.69 -6.30 10.72
CA ASP A 209 0.30 -5.26 10.98
C ASP A 209 0.89 -4.71 9.67
N TYR A 210 2.09 -4.08 9.72
CA TYR A 210 2.84 -3.54 8.57
C TYR A 210 2.98 -4.56 7.41
N SER A 211 3.10 -5.87 7.75
CA SER A 211 3.30 -6.94 6.77
C SER A 211 2.16 -7.05 5.73
N LEU A 212 0.99 -6.47 6.01
CA LEU A 212 -0.09 -6.41 5.04
C LEU A 212 0.38 -5.66 3.76
N ASP A 213 1.13 -4.55 3.93
CA ASP A 213 1.68 -3.74 2.83
C ASP A 213 2.65 -4.53 1.98
N MET A 214 3.40 -5.47 2.59
CA MET A 214 4.35 -6.31 1.83
C MET A 214 3.61 -7.32 0.93
N TRP A 215 2.44 -7.85 1.38
CA TRP A 215 1.62 -8.70 0.50
C TRP A 215 1.18 -7.86 -0.72
N SER A 216 0.59 -6.66 -0.47
CA SER A 216 0.08 -5.79 -1.56
C SER A 216 1.21 -5.49 -2.54
N LEU A 217 2.40 -5.20 -2.00
CA LEU A 217 3.59 -4.91 -2.85
C LEU A 217 3.90 -6.15 -3.72
N GLY A 218 3.81 -7.34 -3.13
CA GLY A 218 4.05 -8.61 -3.83
C GLY A 218 3.08 -8.78 -4.98
N CYS A 219 1.80 -8.38 -4.78
CA CYS A 219 0.76 -8.46 -5.83
C CYS A 219 1.13 -7.52 -7.00
N MET A 220 1.64 -6.34 -6.68
CA MET A 220 2.08 -5.38 -7.72
C MET A 220 3.24 -6.00 -8.50
N LEU A 221 4.24 -6.53 -7.78
CA LEU A 221 5.42 -7.12 -8.39
C LEU A 221 5.05 -8.28 -9.30
N ALA A 222 4.21 -9.21 -8.80
CA ALA A 222 3.81 -10.38 -9.60
C ALA A 222 3.12 -9.94 -10.89
N SER A 223 2.23 -8.93 -10.81
N SER A 223 2.23 -8.93 -10.81
CA SER A 223 1.52 -8.44 -12.01
CA SER A 223 1.49 -8.41 -11.98
C SER A 223 2.52 -7.86 -13.01
C SER A 223 2.40 -7.73 -13.00
N MET A 224 3.45 -7.04 -12.52
CA MET A 224 4.44 -6.40 -13.39
C MET A 224 5.33 -7.41 -14.15
N ILE A 225 5.98 -8.32 -13.42
CA ILE A 225 6.96 -9.26 -14.01
C ILE A 225 6.30 -10.35 -14.83
N PHE A 226 5.10 -10.82 -14.42
CA PHE A 226 4.45 -11.89 -15.19
C PHE A 226 3.54 -11.38 -16.32
N ARG A 227 3.32 -10.05 -16.36
CA ARG A 227 2.48 -9.39 -17.37
C ARG A 227 1.04 -9.88 -17.22
N LYS A 228 0.50 -9.88 -16.00
CA LYS A 228 -0.84 -10.38 -15.77
C LYS A 228 -1.50 -9.38 -14.85
N GLU A 229 -2.45 -8.60 -15.37
CA GLU A 229 -3.08 -7.58 -14.55
C GLU A 229 -4.58 -7.90 -14.24
N PRO A 230 -4.98 -8.08 -12.97
CA PRO A 230 -4.16 -8.15 -11.74
C PRO A 230 -3.59 -9.55 -11.68
N PHE A 231 -2.65 -9.82 -10.76
CA PHE A 231 -2.13 -11.19 -10.70
C PHE A 231 -3.16 -12.22 -10.14
N PHE A 232 -3.84 -11.85 -9.05
CA PHE A 232 -4.87 -12.65 -8.40
C PHE A 232 -6.19 -11.98 -8.75
N HIS A 233 -6.93 -12.57 -9.72
CA HIS A 233 -8.10 -11.91 -10.28
C HIS A 233 -9.45 -12.43 -9.74
N GLY A 234 -9.75 -12.12 -8.47
CA GLY A 234 -10.98 -12.60 -7.85
C GLY A 234 -12.23 -11.86 -8.31
N HIS A 235 -13.36 -12.56 -8.45
N HIS A 235 -13.34 -12.61 -8.43
CA HIS A 235 -14.62 -11.87 -8.83
CA HIS A 235 -14.68 -12.12 -8.82
C HIS A 235 -15.18 -11.10 -7.62
C HIS A 235 -15.36 -11.37 -7.66
N ASP A 236 -14.86 -11.59 -6.41
CA ASP A 236 -15.29 -10.99 -5.14
C ASP A 236 -14.25 -11.35 -4.06
N ASN A 237 -14.47 -10.96 -2.77
CA ASN A 237 -13.53 -11.25 -1.67
C ASN A 237 -13.34 -12.74 -1.37
N TYR A 238 -14.36 -13.57 -1.66
CA TYR A 238 -14.26 -15.02 -1.44
C TYR A 238 -13.44 -15.68 -2.52
N ASP A 239 -13.78 -15.34 -3.78
CA ASP A 239 -13.10 -15.90 -4.96
C ASP A 239 -11.66 -15.43 -4.97
N GLN A 240 -11.40 -14.25 -4.36
CA GLN A 240 -10.07 -13.67 -4.22
C GLN A 240 -9.16 -14.64 -3.45
N LEU A 241 -9.66 -15.23 -2.35
CA LEU A 241 -8.88 -16.24 -1.61
C LEU A 241 -8.65 -17.50 -2.45
N VAL A 242 -9.66 -17.92 -3.26
CA VAL A 242 -9.56 -19.11 -4.13
C VAL A 242 -8.46 -18.88 -5.20
N ARG A 243 -8.39 -17.66 -5.77
CA ARG A 243 -7.40 -17.34 -6.81
C ARG A 243 -6.00 -17.46 -6.19
N ILE A 244 -5.86 -16.97 -4.95
CA ILE A 244 -4.57 -17.07 -4.22
C ILE A 244 -4.22 -18.52 -4.00
N ALA A 245 -5.18 -19.30 -3.49
CA ALA A 245 -5.02 -20.73 -3.22
C ALA A 245 -4.63 -21.58 -4.44
N LYS A 246 -5.07 -21.17 -5.65
CA LYS A 246 -4.72 -21.92 -6.88
C LYS A 246 -3.23 -21.72 -7.20
N VAL A 247 -2.61 -20.66 -6.63
CA VAL A 247 -1.17 -20.42 -6.84
C VAL A 247 -0.36 -20.97 -5.66
N LEU A 248 -0.69 -20.57 -4.44
CA LEU A 248 0.07 -20.93 -3.23
C LEU A 248 -0.29 -22.27 -2.61
N GLY A 249 -1.42 -22.85 -3.05
CA GLY A 249 -1.91 -24.13 -2.53
C GLY A 249 -2.79 -24.00 -1.31
N THR A 250 -3.62 -25.01 -1.08
CA THR A 250 -4.51 -25.02 0.09
C THR A 250 -3.86 -25.53 1.40
N GLU A 251 -2.85 -26.43 1.33
CA GLU A 251 -2.19 -26.98 2.54
C GLU A 251 -1.57 -25.90 3.43
N ASP A 252 -0.81 -24.94 2.82
CA ASP A 252 -0.25 -23.82 3.58
C ASP A 252 -1.35 -22.88 4.09
N LEU A 253 -2.47 -22.74 3.35
CA LEU A 253 -3.61 -21.92 3.81
C LEU A 253 -4.19 -22.57 5.06
N TYR A 254 -4.40 -23.90 5.04
CA TYR A 254 -4.93 -24.62 6.19
C TYR A 254 -3.97 -24.56 7.40
N ASP A 255 -2.63 -24.62 7.15
CA ASP A 255 -1.66 -24.49 8.24
C ASP A 255 -1.76 -23.09 8.89
N TYR A 256 -1.88 -22.03 8.05
CA TYR A 256 -2.01 -20.63 8.46
C TYR A 256 -3.21 -20.46 9.40
N ILE A 257 -4.39 -20.95 8.96
CA ILE A 257 -5.66 -20.95 9.71
C ILE A 257 -5.50 -21.69 11.04
N ASP A 258 -4.88 -22.89 10.99
CA ASP A 258 -4.61 -23.69 12.19
C ASP A 258 -3.74 -22.93 13.19
N LYS A 259 -2.63 -22.33 12.68
CA LYS A 259 -1.68 -21.59 13.54
C LYS A 259 -2.36 -20.45 14.31
N TYR A 260 -3.13 -19.62 13.60
CA TYR A 260 -3.77 -18.47 14.23
C TYR A 260 -5.13 -18.79 14.85
N ASN A 261 -5.53 -20.10 14.86
CA ASN A 261 -6.80 -20.58 15.44
C ASN A 261 -7.99 -19.83 14.84
N ILE A 262 -7.92 -19.58 13.52
CA ILE A 262 -8.97 -18.86 12.81
C ILE A 262 -10.13 -19.80 12.49
N GLU A 263 -11.35 -19.30 12.63
CA GLU A 263 -12.57 -20.00 12.28
C GLU A 263 -12.87 -19.55 10.84
N LEU A 264 -12.51 -20.35 9.83
CA LEU A 264 -12.73 -19.97 8.43
C LEU A 264 -14.23 -19.93 8.09
N ASP A 265 -14.68 -18.86 7.39
CA ASP A 265 -16.07 -18.71 6.96
C ASP A 265 -16.51 -20.02 6.25
N PRO A 266 -17.64 -20.64 6.69
CA PRO A 266 -18.08 -21.90 6.04
C PRO A 266 -18.40 -21.77 4.54
N ARG A 267 -18.60 -20.54 4.03
CA ARG A 267 -18.81 -20.20 2.63
C ARG A 267 -17.64 -20.78 1.77
N PHE A 268 -16.43 -20.84 2.37
CA PHE A 268 -15.21 -21.33 1.75
C PHE A 268 -15.18 -22.85 1.53
N ASN A 269 -15.95 -23.64 2.30
CA ASN A 269 -15.94 -25.10 2.16
C ASN A 269 -16.29 -25.61 0.76
N ASP A 270 -17.25 -24.97 0.09
CA ASP A 270 -17.68 -25.40 -1.23
C ASP A 270 -16.92 -24.80 -2.42
N ILE A 271 -15.98 -23.87 -2.20
CA ILE A 271 -15.31 -23.18 -3.33
C ILE A 271 -13.76 -23.26 -3.32
N LEU A 272 -13.15 -23.46 -2.15
CA LEU A 272 -11.69 -23.46 -2.02
C LEU A 272 -11.03 -24.61 -2.79
N GLY A 273 -11.67 -25.79 -2.76
CA GLY A 273 -11.16 -27.02 -3.39
C GLY A 273 -9.81 -27.45 -2.82
N ARG A 274 -9.04 -28.24 -3.57
CA ARG A 274 -7.72 -28.69 -3.13
C ARG A 274 -6.72 -28.35 -4.19
N HIS A 275 -5.69 -27.59 -3.82
CA HIS A 275 -4.71 -27.14 -4.82
C HIS A 275 -3.32 -27.31 -4.23
N SER A 276 -2.36 -27.58 -5.09
CA SER A 276 -0.98 -27.66 -4.65
C SER A 276 -0.29 -26.40 -5.16
N ARG A 277 0.74 -25.92 -4.42
CA ARG A 277 1.52 -24.76 -4.85
C ARG A 277 2.06 -25.00 -6.24
N LYS A 278 1.97 -23.96 -7.08
CA LYS A 278 2.51 -23.98 -8.41
C LYS A 278 3.89 -23.34 -8.34
N ARG A 279 4.93 -23.98 -8.91
CA ARG A 279 6.28 -23.40 -8.95
C ARG A 279 6.24 -22.10 -9.76
N TRP A 280 6.95 -21.05 -9.32
CA TRP A 280 6.86 -19.74 -10.01
C TRP A 280 7.19 -19.78 -11.49
N GLU A 281 8.00 -20.77 -11.92
CA GLU A 281 8.41 -20.92 -13.32
C GLU A 281 7.20 -21.24 -14.23
N ARG A 282 6.10 -21.80 -13.66
CA ARG A 282 4.84 -22.10 -14.38
C ARG A 282 4.19 -20.84 -14.98
N PHE A 283 4.50 -19.63 -14.44
CA PHE A 283 3.92 -18.35 -14.91
C PHE A 283 4.80 -17.64 -15.99
N VAL A 284 5.97 -18.19 -16.27
CA VAL A 284 6.93 -17.66 -17.25
C VAL A 284 6.49 -18.01 -18.66
N HIS A 285 6.55 -17.05 -19.60
CA HIS A 285 6.20 -17.31 -21.01
C HIS A 285 7.02 -16.35 -21.87
N SER A 286 6.98 -16.50 -23.21
N SER A 286 6.96 -16.49 -23.20
CA SER A 286 7.79 -15.67 -24.11
CA SER A 286 7.75 -15.67 -24.12
C SER A 286 7.57 -14.15 -23.96
C SER A 286 7.56 -14.15 -23.95
N GLU A 287 6.34 -13.70 -23.58
CA GLU A 287 6.03 -12.27 -23.40
C GLU A 287 6.47 -11.65 -22.04
N ASN A 288 6.87 -12.47 -21.06
CA ASN A 288 7.31 -11.92 -19.76
C ASN A 288 8.74 -12.32 -19.39
N GLN A 289 9.39 -13.20 -20.19
N GLN A 289 9.39 -13.21 -20.17
CA GLN A 289 10.74 -13.74 -19.92
CA GLN A 289 10.75 -13.72 -19.89
C GLN A 289 11.79 -12.63 -19.65
C GLN A 289 11.78 -12.62 -19.62
N HIS A 290 11.66 -11.49 -20.34
CA HIS A 290 12.56 -10.34 -20.19
C HIS A 290 12.48 -9.66 -18.81
N LEU A 291 11.40 -9.92 -18.02
CA LEU A 291 11.21 -9.31 -16.69
C LEU A 291 11.44 -10.29 -15.54
N VAL A 292 11.64 -11.56 -15.87
CA VAL A 292 11.80 -12.61 -14.88
C VAL A 292 13.29 -13.00 -14.80
N SER A 293 13.74 -13.31 -13.59
CA SER A 293 15.08 -13.77 -13.28
C SER A 293 14.93 -14.66 -12.05
N PRO A 294 15.90 -15.56 -11.75
CA PRO A 294 15.80 -16.35 -10.52
C PRO A 294 15.69 -15.44 -9.26
N GLU A 295 16.40 -14.28 -9.24
CA GLU A 295 16.33 -13.33 -8.09
C GLU A 295 14.92 -12.72 -7.93
N ALA A 296 14.26 -12.34 -9.06
CA ALA A 296 12.90 -11.78 -9.05
C ALA A 296 11.93 -12.81 -8.46
N LEU A 297 12.06 -14.07 -8.90
CA LEU A 297 11.21 -15.17 -8.40
C LEU A 297 11.42 -15.42 -6.92
N ASP A 298 12.70 -15.46 -6.47
CA ASP A 298 13.06 -15.68 -5.06
C ASP A 298 12.45 -14.57 -4.16
N PHE A 299 12.59 -13.31 -4.61
CA PHE A 299 12.07 -12.14 -3.92
C PHE A 299 10.54 -12.19 -3.81
N LEU A 300 9.85 -12.42 -4.93
CA LEU A 300 8.39 -12.52 -4.95
C LEU A 300 7.91 -13.63 -3.99
N ASP A 301 8.61 -14.78 -4.02
CA ASP A 301 8.28 -15.92 -3.19
C ASP A 301 8.25 -15.58 -1.69
N LYS A 302 9.14 -14.68 -1.28
CA LYS A 302 9.31 -14.24 0.10
C LYS A 302 8.33 -13.14 0.51
N LEU A 303 7.57 -12.56 -0.46
CA LEU A 303 6.55 -11.58 -0.15
C LEU A 303 5.17 -12.25 -0.11
N LEU A 304 4.89 -13.10 -1.12
CA LEU A 304 3.60 -13.75 -1.24
C LEU A 304 3.49 -15.05 -0.43
N ARG A 305 3.37 -14.89 0.89
CA ARG A 305 3.23 -15.97 1.87
C ARG A 305 1.95 -15.75 2.67
N TYR A 306 1.14 -16.81 2.88
CA TYR A 306 -0.08 -16.66 3.71
C TYR A 306 0.24 -16.06 5.08
N ASP A 307 1.24 -16.66 5.78
CA ASP A 307 1.62 -16.22 7.13
C ASP A 307 2.26 -14.83 7.13
N HIS A 308 1.50 -13.83 7.61
CA HIS A 308 1.93 -12.42 7.61
C HIS A 308 3.25 -12.23 8.35
N GLN A 309 3.48 -13.09 9.36
CA GLN A 309 4.71 -13.08 10.17
C GLN A 309 5.94 -13.59 9.42
N SER A 310 5.75 -14.36 8.34
N SER A 310 5.75 -14.38 8.35
CA SER A 310 6.84 -14.97 7.55
CA SER A 310 6.83 -15.00 7.56
C SER A 310 7.29 -14.17 6.34
C SER A 310 7.28 -14.19 6.33
N ARG A 311 6.58 -13.09 6.01
CA ARG A 311 6.92 -12.27 4.84
C ARG A 311 8.18 -11.45 5.13
N LEU A 312 8.99 -11.14 4.10
CA LEU A 312 10.11 -10.21 4.29
C LEU A 312 9.54 -8.88 4.78
N THR A 313 10.26 -8.18 5.69
CA THR A 313 9.90 -6.82 6.10
C THR A 313 10.48 -5.91 4.98
N ALA A 314 10.14 -4.60 4.97
CA ALA A 314 10.66 -3.70 3.94
C ALA A 314 12.18 -3.62 3.97
N ARG A 315 12.78 -3.51 5.18
CA ARG A 315 14.22 -3.44 5.40
C ARG A 315 14.94 -4.72 4.91
N GLU A 316 14.42 -5.92 5.24
CA GLU A 316 15.03 -7.17 4.74
C GLU A 316 14.90 -7.24 3.20
N ALA A 317 13.75 -6.81 2.65
CA ALA A 317 13.54 -6.79 1.20
C ALA A 317 14.61 -5.98 0.50
N MET A 318 15.05 -4.85 1.11
CA MET A 318 16.06 -3.98 0.52
C MET A 318 17.45 -4.63 0.36
N GLU A 319 17.73 -5.68 1.16
CA GLU A 319 18.99 -6.45 1.16
C GLU A 319 18.94 -7.57 0.11
N HIS A 320 17.76 -7.79 -0.55
CA HIS A 320 17.62 -8.94 -1.44
C HIS A 320 18.49 -8.86 -2.72
N PRO A 321 19.08 -10.00 -3.18
CA PRO A 321 19.84 -9.97 -4.46
C PRO A 321 19.15 -9.33 -5.66
N TYR A 322 17.79 -9.30 -5.67
CA TYR A 322 17.04 -8.69 -6.77
C TYR A 322 17.45 -7.25 -7.01
N PHE A 323 17.87 -6.53 -5.94
CA PHE A 323 18.28 -5.15 -5.97
C PHE A 323 19.78 -4.92 -6.13
N TYR A 324 20.61 -5.98 -6.21
CA TYR A 324 22.08 -5.78 -6.36
C TYR A 324 22.46 -4.95 -7.60
N THR A 325 21.72 -5.11 -8.72
N THR A 325 21.71 -5.11 -8.70
CA THR A 325 21.96 -4.38 -9.98
CA THR A 325 21.95 -4.41 -9.96
C THR A 325 21.58 -2.90 -9.89
C THR A 325 21.47 -2.95 -9.95
N VAL A 326 20.69 -2.55 -8.92
CA VAL A 326 20.20 -1.15 -8.79
C VAL A 326 21.33 -0.21 -8.30
N VAL A 327 21.62 0.86 -9.06
CA VAL A 327 22.63 1.89 -8.68
C VAL A 327 22.19 2.58 -7.38
N LYS A 328 23.05 2.56 -6.34
CA LYS A 328 22.77 3.19 -5.03
C LYS A 328 23.83 4.24 -4.69
PG ATP B . -8.72 4.78 -7.47
O1G ATP B . -10.16 4.30 -7.46
O2G ATP B . -7.86 3.96 -8.39
O3G ATP B . -8.08 4.77 -6.07
PB ATP B . -7.56 7.15 -8.75
O1B ATP B . -6.22 6.85 -8.19
O2B ATP B . -7.59 6.83 -10.25
O3B ATP B . -8.66 6.28 -8.01
PA ATP B . -8.29 9.65 -7.37
O1A ATP B . -7.84 9.07 -6.08
O2A ATP B . -9.80 9.86 -7.38
O3A ATP B . -7.93 8.69 -8.58
O5' ATP B . -7.57 11.07 -7.75
C5' ATP B . -7.91 11.74 -8.98
C4' ATP B . -6.67 12.03 -9.78
O4' ATP B . -5.77 12.87 -9.01
C3' ATP B . -5.84 10.83 -10.26
O3' ATP B . -5.56 10.95 -11.64
C2' ATP B . -4.56 10.93 -9.42
O2' ATP B . -3.42 10.40 -10.08
C1' ATP B . -4.45 12.44 -9.26
N9 ATP B . -3.59 12.89 -8.17
C8 ATP B . -3.72 12.60 -6.84
N7 ATP B . -2.76 13.10 -6.08
C5 ATP B . -1.95 13.76 -6.99
C6 ATP B . -0.76 14.51 -6.82
N6 ATP B . -0.19 14.74 -5.64
N1 ATP B . -0.18 15.03 -7.94
C2 ATP B . -0.78 14.85 -9.12
N3 ATP B . -1.91 14.18 -9.40
C4 ATP B . -2.44 13.65 -8.28
C ACT C . -9.87 25.19 -1.95
O ACT C . -10.36 24.16 -1.41
OXT ACT C . -10.54 26.14 -2.45
CH3 ACT C . -8.32 25.29 -2.04
C ACT D . -10.70 2.29 8.34
O ACT D . -10.13 1.99 9.42
OXT ACT D . -10.47 3.33 7.63
CH3 ACT D . -11.74 1.29 7.78
C ACT E . -12.20 -1.96 0.59
O ACT E . -12.60 -2.96 1.26
OXT ACT E . -11.55 -0.96 1.04
CH3 ACT E . -12.56 -1.94 -0.90
C ACT F . -7.57 0.47 -7.91
O ACT F . -8.64 0.58 -7.27
OXT ACT F . -7.02 1.37 -8.60
CH3 ACT F . -6.87 -0.88 -7.80
C12 KF6 G . 5.00 -0.14 -11.32
C11 KF6 G . 3.95 0.75 -11.10
C10 KF6 G . 2.00 -2.13 -11.48
C9 KF6 G . 1.17 -3.28 -11.54
C8 KF6 G . 0.17 -3.02 -12.44
C7 KF6 G . 1.51 -1.22 -12.38
N1 KF6 G . 0.38 -1.78 -12.95
C1 KF6 G . 6.21 0.84 -9.45
C5 KF6 G . 2.65 0.94 -11.71
C6 KF6 G . 2.06 0.16 -12.84
C4 KF6 G . 2.05 1.96 -11.02
C3 KF6 G . 4.05 1.68 -10.04
C2 KF6 G . 5.17 1.73 -9.21
BR KF6 G . 7.53 -1.32 -10.77
C KF6 G . 6.10 -0.09 -10.49
N KF6 G . 2.88 2.41 -10.02
#